data_8DE5
#
_entry.id   8DE5
#
_cell.length_a   118.713
_cell.length_b   118.713
_cell.length_c   158.295
_cell.angle_alpha   90.000
_cell.angle_beta   90.000
_cell.angle_gamma   90.000
#
_symmetry.space_group_name_H-M   'I 41 2 2'
#
loop_
_entity.id
_entity.type
_entity.pdbx_description
1 polymer 'Glyceraldehyde-3-phosphate dehydrogenase'
2 non-polymer NICOTINAMIDE-ADENINE-DINUCLEOTIDE
3 non-polymer 'D-galactonic acid'
4 non-polymer 'SULFATE ION'
5 non-polymer GLYCEROL
6 water water
#
_entity_poly.entity_id   1
_entity_poly.type   'polypeptide(L)'
_entity_poly.pdbx_seq_one_letter_code
;MVVKVGINGFGRIGRIVFRNAVEHDDVEIVAVNDPFIETKYAAYMLKYDSTHGQFKGDIQHSSSNNLTVNNKTIHFYQER
DPANIPWGKHGVDYVVESTGVFTTTEKAKAHLSGGAKKVIISAPSADAPMFVMGVNEKSYRPDISVLSNAS(CSD)TTNC
LAPLAKVIHDNFGIAEGLMTTIHSYTATQKTVDGPSHKDWRGGRTAAQNIIPSSTGAAKAVGKVIPALNGKLTGMAMRVP
TANVSVVDLTCRTEKPVTYDQIKAAVKAASEGELKGILGYSEDALVSTDLNGDPRSSIFDASAGIALNDRFVKLISWYDN
EWGYSRRVLDLIAYIAKVDAGK
;
_entity_poly.pdbx_strand_id   A
#
# COMPACT_ATOMS: atom_id res chain seq x y z
N MET A 1 3.84 -23.30 5.77
CA MET A 1 2.68 -22.65 5.17
C MET A 1 1.85 -21.92 6.23
N VAL A 2 2.31 -21.98 7.48
CA VAL A 2 1.63 -21.32 8.59
C VAL A 2 2.44 -20.08 8.92
N VAL A 3 2.05 -18.96 8.32
CA VAL A 3 2.75 -17.68 8.49
C VAL A 3 2.00 -16.89 9.56
N LYS A 4 2.60 -16.78 10.73
CA LYS A 4 1.99 -16.08 11.86
C LYS A 4 2.37 -14.60 11.80
N VAL A 5 1.36 -13.74 11.74
CA VAL A 5 1.55 -12.32 11.47
C VAL A 5 0.97 -11.50 12.62
N GLY A 6 1.64 -10.40 12.95
CA GLY A 6 1.12 -9.42 13.88
C GLY A 6 0.95 -8.07 13.22
N ILE A 7 0.07 -7.23 13.77
CA ILE A 7 -0.23 -5.92 13.20
C ILE A 7 -0.05 -4.87 14.29
N ASN A 8 0.74 -3.84 14.00
CA ASN A 8 0.94 -2.72 14.91
C ASN A 8 0.30 -1.49 14.28
N GLY A 9 -0.75 -0.98 14.92
CA GLY A 9 -1.50 0.12 14.37
C GLY A 9 -2.74 -0.37 13.65
N PHE A 10 -3.85 -0.45 14.37
CA PHE A 10 -5.11 -1.00 13.85
C PHE A 10 -5.93 0.09 13.16
N GLY A 11 -5.33 0.80 12.21
CA GLY A 11 -5.98 1.90 11.52
C GLY A 11 -6.57 1.47 10.20
N ARG A 12 -6.60 2.41 9.25
CA ARG A 12 -7.11 2.09 7.92
C ARG A 12 -6.36 0.89 7.33
N ILE A 13 -5.03 1.00 7.26
CA ILE A 13 -4.25 -0.08 6.66
C ILE A 13 -4.26 -1.32 7.55
N GLY A 14 -4.10 -1.13 8.85
CA GLY A 14 -4.06 -2.28 9.75
C GLY A 14 -5.33 -3.10 9.73
N ARG A 15 -6.49 -2.43 9.70
CA ARG A 15 -7.75 -3.17 9.69
C ARG A 15 -8.04 -3.79 8.33
N ILE A 16 -7.61 -3.15 7.25
CA ILE A 16 -7.89 -3.70 5.93
C ILE A 16 -6.89 -4.80 5.58
N VAL A 17 -5.67 -4.72 6.10
CA VAL A 17 -4.79 -5.89 6.06
C VAL A 17 -5.42 -7.03 6.82
N PHE A 18 -5.92 -6.74 8.03
CA PHE A 18 -6.56 -7.77 8.85
C PHE A 18 -7.73 -8.40 8.12
N ARG A 19 -8.61 -7.58 7.55
CA ARG A 19 -9.81 -8.09 6.89
C ARG A 19 -9.44 -9.03 5.74
N ASN A 20 -8.46 -8.64 4.94
CA ASN A 20 -8.08 -9.49 3.80
C ASN A 20 -7.32 -10.74 4.26
N ALA A 21 -6.62 -10.67 5.39
CA ALA A 21 -5.85 -11.82 5.85
C ALA A 21 -6.77 -12.90 6.43
N VAL A 22 -7.74 -12.51 7.25
CA VAL A 22 -8.59 -13.51 7.90
C VAL A 22 -9.57 -14.15 6.93
N GLU A 23 -9.83 -13.53 5.78
CA GLU A 23 -10.70 -14.10 4.77
C GLU A 23 -9.96 -15.03 3.83
N HIS A 24 -8.69 -15.35 4.11
CA HIS A 24 -7.90 -16.26 3.30
C HIS A 24 -7.09 -17.17 4.21
N ASP A 25 -6.46 -18.18 3.60
CA ASP A 25 -5.72 -19.20 4.35
C ASP A 25 -4.22 -19.13 4.13
N ASP A 26 -3.72 -18.08 3.47
CA ASP A 26 -2.29 -17.95 3.23
C ASP A 26 -1.55 -17.41 4.45
N VAL A 27 -2.25 -16.72 5.35
CA VAL A 27 -1.62 -16.00 6.45
C VAL A 27 -2.57 -16.02 7.63
N GLU A 28 -2.02 -16.12 8.84
CA GLU A 28 -2.81 -16.13 10.07
C GLU A 28 -2.42 -14.91 10.91
N ILE A 29 -3.38 -14.04 11.17
CA ILE A 29 -3.19 -12.95 12.11
C ILE A 29 -3.41 -13.48 13.52
N VAL A 30 -2.44 -13.26 14.41
CA VAL A 30 -2.54 -13.80 15.76
C VAL A 30 -2.53 -12.70 16.81
N ALA A 31 -1.92 -11.55 16.49
CA ALA A 31 -1.79 -10.48 17.47
C ALA A 31 -1.95 -9.11 16.81
N VAL A 32 -2.51 -8.17 17.58
CA VAL A 32 -2.70 -6.79 17.14
C VAL A 32 -2.34 -5.88 18.31
N ASN A 33 -1.65 -4.78 18.02
CA ASN A 33 -1.34 -3.79 19.04
C ASN A 33 -1.82 -2.41 18.59
N ASP A 34 -2.51 -1.71 19.49
CA ASP A 34 -2.95 -0.34 19.29
C ASP A 34 -3.35 0.25 20.64
N PRO A 35 -2.59 1.21 21.18
CA PRO A 35 -2.92 1.73 22.52
C PRO A 35 -4.18 2.57 22.56
N PHE A 36 -4.62 3.11 21.42
CA PHE A 36 -5.80 3.97 21.38
C PHE A 36 -7.07 3.23 21.01
N ILE A 37 -7.02 1.91 20.87
CA ILE A 37 -8.16 1.10 20.46
C ILE A 37 -8.23 -0.11 21.38
N GLU A 38 -9.21 -0.13 22.27
CA GLU A 38 -9.43 -1.29 23.13
C GLU A 38 -10.03 -2.45 22.31
N THR A 39 -10.06 -3.63 22.95
CA THR A 39 -10.43 -4.85 22.24
C THR A 39 -11.90 -4.82 21.80
N LYS A 40 -12.80 -4.43 22.69
CA LYS A 40 -14.21 -4.34 22.31
C LYS A 40 -14.42 -3.27 21.24
N TYR A 41 -13.66 -2.17 21.34
CA TYR A 41 -13.72 -1.13 20.31
C TYR A 41 -13.17 -1.66 18.98
N ALA A 42 -12.12 -2.48 19.04
CA ALA A 42 -11.53 -3.03 17.83
C ALA A 42 -12.52 -3.89 17.06
N ALA A 43 -13.35 -4.65 17.78
CA ALA A 43 -14.37 -5.45 17.13
C ALA A 43 -15.35 -4.59 16.34
N TYR A 44 -15.76 -3.45 16.91
CA TYR A 44 -16.68 -2.55 16.22
C TYR A 44 -16.03 -1.92 15.00
N MET A 45 -14.78 -1.47 15.13
CA MET A 45 -14.11 -0.85 13.98
C MET A 45 -13.86 -1.86 12.87
N LEU A 46 -13.71 -3.14 13.22
CA LEU A 46 -13.57 -4.18 12.21
C LEU A 46 -14.91 -4.49 11.54
N LYS A 47 -15.97 -4.57 12.34
CA LYS A 47 -17.27 -4.97 11.81
C LYS A 47 -17.81 -3.94 10.82
N TYR A 48 -17.74 -2.66 11.17
CA TYR A 48 -18.36 -1.60 10.38
C TYR A 48 -17.28 -0.73 9.74
N ASP A 49 -17.35 -0.57 8.43
CA ASP A 49 -16.37 0.21 7.69
C ASP A 49 -17.10 1.14 6.74
N SER A 50 -16.86 2.45 6.88
CA SER A 50 -17.55 3.45 6.07
C SER A 50 -17.21 3.31 4.60
N THR A 51 -16.02 2.78 4.28
CA THR A 51 -15.55 2.69 2.91
C THR A 51 -15.77 1.32 2.28
N HIS A 52 -15.54 0.25 3.02
CA HIS A 52 -15.55 -1.09 2.45
C HIS A 52 -16.68 -1.96 2.99
N GLY A 53 -17.65 -1.37 3.69
CA GLY A 53 -18.83 -2.09 4.10
C GLY A 53 -18.58 -3.00 5.29
N GLN A 54 -19.62 -3.76 5.63
CA GLN A 54 -19.60 -4.58 6.83
C GLN A 54 -18.71 -5.81 6.64
N PHE A 55 -18.06 -6.21 7.73
CA PHE A 55 -17.23 -7.41 7.72
C PHE A 55 -18.11 -8.64 7.50
N LYS A 56 -17.66 -9.53 6.60
CA LYS A 56 -18.50 -10.64 6.18
C LYS A 56 -18.44 -11.84 7.13
N GLY A 57 -17.33 -12.00 7.85
CA GLY A 57 -17.16 -13.14 8.72
C GLY A 57 -17.87 -13.00 10.06
N ASP A 58 -17.38 -13.75 11.04
CA ASP A 58 -17.96 -13.81 12.37
C ASP A 58 -16.97 -13.26 13.39
N ILE A 59 -17.47 -12.46 14.33
CA ILE A 59 -16.65 -11.77 15.32
C ILE A 59 -17.22 -12.05 16.71
N GLN A 60 -16.35 -12.41 17.64
CA GLN A 60 -16.74 -12.64 19.03
C GLN A 60 -15.69 -12.05 19.97
N HIS A 61 -16.13 -11.48 21.08
CA HIS A 61 -15.25 -10.98 22.13
C HIS A 61 -15.10 -12.11 23.15
N SER A 62 -14.00 -12.85 23.05
CA SER A 62 -13.88 -14.10 23.78
C SER A 62 -13.46 -13.90 25.24
N SER A 63 -12.49 -13.03 25.49
CA SER A 63 -12.01 -12.79 26.85
C SER A 63 -11.76 -11.29 27.00
N SER A 64 -10.88 -10.94 27.94
CA SER A 64 -10.63 -9.53 28.23
C SER A 64 -10.01 -8.81 27.04
N ASN A 65 -9.00 -9.43 26.43
CA ASN A 65 -8.26 -8.82 25.33
C ASN A 65 -8.06 -9.79 24.19
N ASN A 66 -9.07 -10.61 23.90
CA ASN A 66 -9.04 -11.52 22.78
C ASN A 66 -10.30 -11.37 21.94
N LEU A 67 -10.14 -11.56 20.64
CA LEU A 67 -11.25 -11.65 19.70
C LEU A 67 -11.20 -13.00 19.01
N THR A 68 -12.37 -13.56 18.74
CA THR A 68 -12.49 -14.75 17.91
C THR A 68 -13.11 -14.34 16.59
N VAL A 69 -12.30 -14.36 15.53
CA VAL A 69 -12.73 -14.01 14.19
C VAL A 69 -12.58 -15.25 13.32
N ASN A 70 -13.71 -15.75 12.81
CA ASN A 70 -13.74 -16.96 11.99
C ASN A 70 -13.06 -18.13 12.70
N ASN A 71 -13.48 -18.35 13.95
CA ASN A 71 -13.00 -19.46 14.78
C ASN A 71 -11.48 -19.41 14.98
N LYS A 72 -10.90 -18.22 14.98
CA LYS A 72 -9.48 -18.04 15.23
C LYS A 72 -9.30 -16.96 16.29
N THR A 73 -8.45 -17.23 17.28
CA THR A 73 -8.24 -16.31 18.38
C THR A 73 -7.14 -15.31 18.03
N ILE A 74 -7.40 -14.03 18.33
CA ILE A 74 -6.46 -12.95 18.08
C ILE A 74 -6.32 -12.17 19.38
N HIS A 75 -5.08 -12.01 19.85
CA HIS A 75 -4.82 -11.26 21.07
C HIS A 75 -4.51 -9.80 20.73
N PHE A 76 -5.02 -8.89 21.55
CA PHE A 76 -4.88 -7.46 21.34
C PHE A 76 -4.09 -6.83 22.47
N TYR A 77 -3.27 -5.84 22.14
CA TYR A 77 -2.44 -5.15 23.11
C TYR A 77 -2.61 -3.64 22.97
N GLN A 78 -2.20 -2.92 24.01
CA GLN A 78 -2.29 -1.46 24.04
C GLN A 78 -0.96 -0.88 24.53
N GLU A 79 0.10 -1.15 23.76
CA GLU A 79 1.45 -0.72 24.09
C GLU A 79 1.86 0.44 23.19
N ARG A 80 2.25 1.56 23.80
CA ARG A 80 2.76 2.69 23.05
C ARG A 80 4.17 2.46 22.53
N ASP A 81 4.95 1.60 23.19
CA ASP A 81 6.31 1.31 22.80
C ASP A 81 6.35 -0.05 22.12
N PRO A 82 6.77 -0.13 20.85
CA PRO A 82 6.78 -1.44 20.17
C PRO A 82 7.64 -2.48 20.86
N ALA A 83 8.68 -2.06 21.59
CA ALA A 83 9.54 -3.04 22.27
C ALA A 83 8.81 -3.77 23.39
N ASN A 84 7.68 -3.23 23.86
CA ASN A 84 6.90 -3.85 24.93
C ASN A 84 5.84 -4.81 24.42
N ILE A 85 5.74 -5.03 23.12
CA ILE A 85 4.76 -5.94 22.54
C ILE A 85 5.37 -7.35 22.55
N PRO A 86 4.75 -8.32 23.21
CA PRO A 86 5.32 -9.68 23.25
C PRO A 86 4.95 -10.51 22.04
N TRP A 87 5.51 -10.14 20.89
CA TRP A 87 5.21 -10.86 19.64
C TRP A 87 5.61 -12.33 19.75
N GLY A 88 6.81 -12.59 20.28
CA GLY A 88 7.30 -13.96 20.37
C GLY A 88 6.49 -14.84 21.29
N LYS A 89 5.71 -14.25 22.20
CA LYS A 89 4.89 -15.05 23.12
C LYS A 89 3.88 -15.90 22.36
N HIS A 90 3.36 -15.39 21.24
CA HIS A 90 2.39 -16.11 20.43
C HIS A 90 2.98 -16.58 19.11
N GLY A 91 4.31 -16.55 18.96
CA GLY A 91 4.93 -17.02 17.75
C GLY A 91 4.79 -16.12 16.55
N VAL A 92 4.71 -14.80 16.77
CA VAL A 92 4.61 -13.86 15.66
C VAL A 92 5.96 -13.81 14.94
N ASP A 93 5.96 -14.19 13.66
CA ASP A 93 7.17 -14.12 12.86
C ASP A 93 7.28 -12.80 12.10
N TYR A 94 6.18 -12.34 11.50
CA TYR A 94 6.18 -11.14 10.66
C TYR A 94 5.22 -10.12 11.26
N VAL A 95 5.68 -8.88 11.37
CA VAL A 95 4.91 -7.79 11.94
C VAL A 95 4.65 -6.74 10.87
N VAL A 96 3.39 -6.34 10.74
CA VAL A 96 3.01 -5.24 9.87
C VAL A 96 3.06 -3.95 10.70
N GLU A 97 3.97 -3.06 10.34
CA GLU A 97 4.17 -1.80 11.06
C GLU A 97 3.34 -0.73 10.35
N SER A 98 2.11 -0.55 10.81
CA SER A 98 1.14 0.33 10.15
C SER A 98 0.67 1.45 11.08
N THR A 99 1.53 1.90 11.99
CA THR A 99 1.19 3.03 12.85
C THR A 99 1.42 4.36 12.16
N GLY A 100 2.42 4.42 11.29
CA GLY A 100 2.84 5.67 10.70
C GLY A 100 3.86 6.45 11.50
N VAL A 101 4.32 5.92 12.64
CA VAL A 101 5.23 6.67 13.50
C VAL A 101 6.49 5.87 13.81
N PHE A 102 6.68 4.73 13.13
CA PHE A 102 7.89 3.93 13.29
C PHE A 102 8.42 3.51 11.93
N THR A 103 8.63 4.49 11.05
CA THR A 103 8.99 4.23 9.66
C THR A 103 10.49 4.13 9.42
N THR A 104 11.32 4.43 10.42
CA THR A 104 12.76 4.28 10.26
C THR A 104 13.21 2.90 10.73
N THR A 105 14.34 2.45 10.20
CA THR A 105 14.89 1.16 10.61
C THR A 105 15.14 1.12 12.12
N GLU A 106 15.68 2.21 12.67
CA GLU A 106 16.00 2.23 14.09
C GLU A 106 14.76 2.14 14.96
N LYS A 107 13.64 2.71 14.51
CA LYS A 107 12.41 2.62 15.29
C LYS A 107 11.68 1.30 15.04
N ALA A 108 11.59 0.88 13.78
CA ALA A 108 10.86 -0.34 13.45
C ALA A 108 11.53 -1.58 14.01
N LYS A 109 12.86 -1.55 14.19
CA LYS A 109 13.56 -2.71 14.70
C LYS A 109 13.20 -3.04 16.15
N ALA A 110 12.45 -2.16 16.82
CA ALA A 110 12.02 -2.45 18.19
C ALA A 110 11.13 -3.68 18.26
N HIS A 111 10.43 -4.02 17.17
CA HIS A 111 9.61 -5.23 17.16
C HIS A 111 10.46 -6.49 17.28
N LEU A 112 11.72 -6.43 16.86
CA LEU A 112 12.58 -7.62 16.91
C LEU A 112 12.90 -8.01 18.34
N SER A 113 13.05 -7.03 19.24
CA SER A 113 13.32 -7.33 20.63
C SER A 113 12.14 -8.01 21.32
N GLY A 114 10.93 -7.86 20.78
CA GLY A 114 9.76 -8.50 21.32
C GLY A 114 9.51 -9.91 20.82
N GLY A 115 10.41 -10.46 20.01
CA GLY A 115 10.30 -11.81 19.50
C GLY A 115 9.99 -11.91 18.03
N ALA A 116 9.72 -10.79 17.36
CA ALA A 116 9.43 -10.81 15.94
C ALA A 116 10.72 -10.99 15.14
N LYS A 117 10.60 -11.66 13.99
CA LYS A 117 11.73 -11.94 13.12
C LYS A 117 11.85 -10.95 11.97
N LYS A 118 10.74 -10.56 11.35
CA LYS A 118 10.75 -9.61 10.25
C LYS A 118 9.70 -8.54 10.50
N VAL A 119 10.02 -7.32 10.07
CA VAL A 119 9.12 -6.18 10.18
C VAL A 119 8.90 -5.62 8.79
N ILE A 120 7.64 -5.38 8.44
CA ILE A 120 7.26 -4.82 7.13
C ILE A 120 6.58 -3.49 7.39
N ILE A 121 7.28 -2.40 7.10
CA ILE A 121 6.74 -1.06 7.30
C ILE A 121 5.75 -0.76 6.17
N SER A 122 4.52 -0.44 6.54
CA SER A 122 3.48 -0.16 5.56
C SER A 122 3.56 1.25 5.00
N ALA A 123 4.77 1.74 4.75
CA ALA A 123 4.97 3.11 4.27
C ALA A 123 6.39 3.21 3.72
N PRO A 124 6.70 4.29 3.01
CA PRO A 124 8.11 4.54 2.67
C PRO A 124 8.96 4.66 3.92
N SER A 125 10.25 4.38 3.75
CA SER A 125 11.20 4.49 4.85
C SER A 125 12.40 5.32 4.40
N ALA A 126 12.97 6.05 5.35
CA ALA A 126 14.16 6.83 5.05
C ALA A 126 15.38 5.94 4.78
N ASP A 127 15.42 4.75 5.37
CA ASP A 127 16.59 3.88 5.22
C ASP A 127 16.29 2.41 5.03
N ALA A 128 15.08 1.93 5.33
CA ALA A 128 14.81 0.52 5.11
C ALA A 128 14.59 0.24 3.62
N PRO A 129 15.04 -0.90 3.11
CA PRO A 129 14.83 -1.21 1.69
C PRO A 129 13.36 -1.31 1.36
N MET A 130 12.97 -0.73 0.23
CA MET A 130 11.59 -0.70 -0.22
C MET A 130 11.38 -1.72 -1.34
N PHE A 131 10.21 -2.34 -1.34
CA PHE A 131 9.88 -3.36 -2.32
C PHE A 131 8.48 -3.09 -2.87
N VAL A 132 8.32 -3.39 -4.16
CA VAL A 132 7.03 -3.32 -4.83
C VAL A 132 6.80 -4.65 -5.52
N MET A 133 5.76 -5.38 -5.10
CA MET A 133 5.46 -6.68 -5.69
C MET A 133 5.24 -6.52 -7.18
N GLY A 134 5.87 -7.39 -7.96
CA GLY A 134 5.84 -7.32 -9.41
C GLY A 134 6.93 -6.47 -10.04
N VAL A 135 7.74 -5.79 -9.24
CA VAL A 135 8.79 -4.91 -9.74
C VAL A 135 10.17 -5.32 -9.24
N ASN A 136 10.32 -5.49 -7.92
CA ASN A 136 11.65 -5.82 -7.41
C ASN A 136 11.65 -6.75 -6.18
N GLU A 137 10.60 -7.54 -5.96
CA GLU A 137 10.61 -8.42 -4.79
C GLU A 137 11.69 -9.48 -4.89
N LYS A 138 12.12 -9.83 -6.11
CA LYS A 138 13.20 -10.82 -6.25
C LYS A 138 14.54 -10.29 -5.78
N SER A 139 14.67 -8.99 -5.54
CA SER A 139 15.89 -8.43 -4.97
C SER A 139 15.95 -8.60 -3.45
N TYR A 140 14.89 -9.13 -2.83
CA TYR A 140 14.90 -9.36 -1.40
C TYR A 140 15.84 -10.50 -1.05
N ARG A 141 16.53 -10.37 0.08
CA ARG A 141 17.43 -11.39 0.60
C ARG A 141 17.05 -11.73 2.03
N PRO A 142 17.21 -13.00 2.43
CA PRO A 142 16.78 -13.40 3.78
C PRO A 142 17.51 -12.72 4.92
N ASP A 143 18.63 -12.04 4.66
CA ASP A 143 19.34 -11.31 5.72
C ASP A 143 18.72 -9.96 6.02
N ILE A 144 17.64 -9.60 5.34
CA ILE A 144 16.96 -8.32 5.57
C ILE A 144 15.88 -8.53 6.62
N SER A 145 15.97 -7.82 7.73
CA SER A 145 15.03 -7.97 8.83
C SER A 145 13.96 -6.89 8.85
N VAL A 146 14.27 -5.68 8.40
CA VAL A 146 13.32 -4.56 8.37
C VAL A 146 13.17 -4.10 6.93
N LEU A 147 11.95 -4.14 6.40
CA LEU A 147 11.72 -3.78 5.01
C LEU A 147 10.48 -2.90 4.91
N SER A 148 10.35 -2.24 3.76
CA SER A 148 9.25 -1.34 3.48
C SER A 148 8.51 -1.81 2.24
N ASN A 149 7.18 -1.67 2.26
CA ASN A 149 6.34 -1.93 1.09
C ASN A 149 6.06 -0.67 0.30
N ALA A 150 6.88 0.37 0.49
CA ALA A 150 6.71 1.68 -0.17
C ALA A 150 5.33 2.26 0.14
N SER A 151 4.89 3.20 -0.68
CA SER A 151 3.59 3.83 -0.50
C SER A 151 2.58 3.30 -1.50
N THR A 153 0.95 5.04 -3.65
CA THR A 153 1.18 5.71 -4.92
C THR A 153 2.35 5.08 -5.69
N THR A 154 3.43 4.76 -4.98
CA THR A 154 4.55 4.07 -5.61
C THR A 154 4.13 2.71 -6.13
N ASN A 155 3.28 2.01 -5.38
CA ASN A 155 2.78 0.72 -5.84
C ASN A 155 1.86 0.85 -7.04
N CYS A 156 1.29 2.04 -7.27
CA CYS A 156 0.52 2.24 -8.48
C CYS A 156 1.43 2.60 -9.66
N LEU A 157 2.39 3.49 -9.42
CA LEU A 157 3.20 4.04 -10.49
C LEU A 157 4.29 3.07 -10.96
N ALA A 158 4.92 2.34 -10.04
CA ALA A 158 6.05 1.49 -10.41
C ALA A 158 5.69 0.38 -11.37
N PRO A 159 4.61 -0.39 -11.18
CA PRO A 159 4.29 -1.43 -12.19
C PRO A 159 3.98 -0.85 -13.56
N LEU A 160 3.31 0.30 -13.61
CA LEU A 160 3.06 0.96 -14.89
C LEU A 160 4.36 1.45 -15.51
N ALA A 161 5.21 2.10 -14.71
CA ALA A 161 6.48 2.61 -15.22
C ALA A 161 7.38 1.48 -15.73
N LYS A 162 7.34 0.33 -15.06
CA LYS A 162 8.12 -0.82 -15.52
C LYS A 162 7.69 -1.27 -16.91
N VAL A 163 6.38 -1.33 -17.16
CA VAL A 163 5.90 -1.74 -18.48
C VAL A 163 6.33 -0.74 -19.54
N ILE A 164 6.11 0.55 -19.27
CA ILE A 164 6.45 1.58 -20.25
C ILE A 164 7.96 1.59 -20.51
N HIS A 165 8.75 1.55 -19.43
CA HIS A 165 10.20 1.62 -19.60
C HIS A 165 10.75 0.38 -20.29
N ASP A 166 10.24 -0.81 -19.93
CA ASP A 166 10.73 -2.04 -20.54
C ASP A 166 10.42 -2.09 -22.02
N ASN A 167 9.27 -1.55 -22.44
CA ASN A 167 8.86 -1.68 -23.83
C ASN A 167 9.32 -0.51 -24.70
N PHE A 168 9.28 0.71 -24.18
CA PHE A 168 9.55 1.88 -24.98
C PHE A 168 10.54 2.84 -24.36
N GLY A 169 10.95 2.62 -23.11
CA GLY A 169 11.86 3.50 -22.43
C GLY A 169 11.20 4.78 -21.95
N ILE A 170 11.44 5.17 -20.71
CA ILE A 170 11.01 6.46 -20.19
C ILE A 170 12.23 7.37 -20.18
N ALA A 171 12.23 8.39 -21.03
CA ALA A 171 13.29 9.39 -20.98
C ALA A 171 13.10 10.32 -19.78
N GLU A 172 11.87 10.72 -19.52
CA GLU A 172 11.56 11.61 -18.41
C GLU A 172 10.07 11.53 -18.14
N GLY A 173 9.69 11.71 -16.88
CA GLY A 173 8.29 11.64 -16.51
C GLY A 173 7.93 12.54 -15.35
N LEU A 174 6.75 13.14 -15.41
CA LEU A 174 6.23 13.98 -14.35
C LEU A 174 4.86 13.47 -13.96
N MET A 175 4.63 13.29 -12.67
CA MET A 175 3.45 12.59 -12.17
C MET A 175 2.63 13.51 -11.26
N THR A 176 1.31 13.47 -11.43
CA THR A 176 0.38 13.99 -10.45
C THR A 176 -0.51 12.85 -9.99
N THR A 177 -0.64 12.69 -8.67
CA THR A 177 -1.64 11.77 -8.13
C THR A 177 -2.79 12.60 -7.56
N ILE A 178 -3.97 12.42 -8.13
CA ILE A 178 -5.20 12.95 -7.55
C ILE A 178 -5.66 11.94 -6.52
N HIS A 179 -5.55 12.31 -5.24
CA HIS A 179 -5.53 11.36 -4.15
C HIS A 179 -6.64 11.68 -3.16
N SER A 180 -7.39 10.67 -2.76
CA SER A 180 -8.36 10.82 -1.70
C SER A 180 -7.69 11.33 -0.42
N TYR A 181 -8.48 12.01 0.41
CA TYR A 181 -7.94 12.43 1.70
C TYR A 181 -7.77 11.22 2.61
N THR A 182 -6.95 11.39 3.64
CA THR A 182 -6.56 10.29 4.52
C THR A 182 -6.63 10.75 5.97
N ALA A 183 -6.23 9.86 6.87
CA ALA A 183 -6.33 10.10 8.31
C ALA A 183 -5.39 11.21 8.78
N THR A 184 -4.38 11.57 7.98
CA THR A 184 -3.50 12.65 8.38
C THR A 184 -4.11 14.03 8.16
N GLN A 185 -5.23 14.12 7.46
CA GLN A 185 -5.85 15.41 7.16
C GLN A 185 -6.87 15.78 8.23
N LYS A 186 -7.44 16.98 8.12
CA LYS A 186 -8.31 17.55 9.14
C LYS A 186 -9.71 17.77 8.58
N THR A 187 -10.72 17.59 9.45
CA THR A 187 -12.09 17.82 9.01
C THR A 187 -12.36 19.29 8.75
N VAL A 188 -11.79 20.17 9.57
CA VAL A 188 -11.86 21.61 9.37
C VAL A 188 -10.45 22.16 9.61
N ASP A 189 -10.22 23.38 9.10
CA ASP A 189 -8.92 24.06 9.20
C ASP A 189 -8.28 23.86 10.57
N GLY A 190 -7.21 23.06 10.63
CA GLY A 190 -6.55 22.76 11.87
C GLY A 190 -5.04 22.71 11.74
N PRO A 191 -4.34 22.54 12.87
CA PRO A 191 -2.88 22.67 12.86
C PRO A 191 -2.22 21.51 12.13
N SER A 192 -1.30 21.85 11.21
CA SER A 192 -0.49 20.92 10.45
C SER A 192 0.82 21.65 10.13
N HIS A 193 1.59 21.94 11.18
CA HIS A 193 2.74 22.83 11.06
C HIS A 193 3.82 22.28 10.14
N LYS A 194 3.83 20.97 9.88
CA LYS A 194 4.77 20.38 8.95
C LYS A 194 4.28 20.40 7.50
N ASP A 195 3.03 20.82 7.29
CA ASP A 195 2.42 20.81 5.96
C ASP A 195 1.18 21.72 6.04
N TRP A 196 1.40 23.02 5.82
CA TRP A 196 0.36 24.01 6.08
C TRP A 196 -0.90 23.73 5.27
N ARG A 197 -0.75 23.44 3.98
CA ARG A 197 -1.91 23.14 3.16
C ARG A 197 -2.65 21.90 3.67
N GLY A 198 -1.92 20.94 4.23
CA GLY A 198 -2.52 19.70 4.69
C GLY A 198 -3.43 19.84 5.88
N GLY A 199 -3.40 21.00 6.56
CA GLY A 199 -4.30 21.23 7.68
C GLY A 199 -5.67 21.77 7.29
N ARG A 200 -5.86 22.16 6.04
CA ARG A 200 -7.08 22.84 5.63
C ARG A 200 -8.19 21.82 5.40
N THR A 201 -9.44 22.29 5.57
CA THR A 201 -10.63 21.46 5.50
C THR A 201 -10.57 20.44 4.36
N ALA A 202 -10.57 19.16 4.74
CA ALA A 202 -10.20 18.11 3.79
C ALA A 202 -11.26 17.92 2.71
N ALA A 203 -12.54 17.96 3.08
CA ALA A 203 -13.61 17.63 2.15
C ALA A 203 -14.18 18.86 1.43
N GLN A 204 -13.55 20.01 1.58
CA GLN A 204 -13.97 21.23 0.90
C GLN A 204 -12.90 21.81 -0.02
N ASN A 205 -11.75 21.16 -0.16
CA ASN A 205 -10.61 21.77 -0.81
C ASN A 205 -9.94 20.80 -1.76
N ILE A 206 -9.46 21.34 -2.88
CA ILE A 206 -8.36 20.74 -3.61
C ILE A 206 -7.07 21.21 -2.95
N ILE A 207 -6.22 20.28 -2.53
CA ILE A 207 -5.08 20.61 -1.69
C ILE A 207 -3.80 20.08 -2.32
N PRO A 208 -2.96 20.95 -2.89
CA PRO A 208 -1.66 20.50 -3.38
C PRO A 208 -0.82 19.95 -2.25
N SER A 209 0.00 18.94 -2.56
CA SER A 209 0.78 18.25 -1.55
C SER A 209 2.02 17.66 -2.21
N SER A 210 3.07 17.50 -1.41
CA SER A 210 4.30 16.88 -1.90
C SER A 210 4.19 15.36 -1.79
N THR A 211 5.01 14.67 -2.58
CA THR A 211 5.09 13.21 -2.49
C THR A 211 6.45 12.77 -3.01
N GLY A 212 7.03 11.76 -2.37
CA GLY A 212 8.25 11.15 -2.85
C GLY A 212 8.04 9.94 -3.72
N ALA A 213 6.78 9.63 -4.03
CA ALA A 213 6.45 8.37 -4.70
C ALA A 213 7.13 8.26 -6.07
N ALA A 214 7.17 9.36 -6.82
CA ALA A 214 7.75 9.29 -8.16
C ALA A 214 9.25 9.13 -8.10
N LYS A 215 9.90 9.82 -7.17
CA LYS A 215 11.33 9.60 -6.96
C LYS A 215 11.61 8.20 -6.44
N ALA A 216 10.70 7.65 -5.61
CA ALA A 216 10.88 6.32 -5.06
C ALA A 216 10.86 5.24 -6.14
N VAL A 217 10.20 5.49 -7.27
CA VAL A 217 10.23 4.54 -8.37
C VAL A 217 11.65 4.36 -8.89
N GLY A 218 12.44 5.45 -8.86
CA GLY A 218 13.84 5.36 -9.22
C GLY A 218 14.68 4.53 -8.26
N LYS A 219 14.15 4.21 -7.09
CA LYS A 219 14.83 3.30 -6.17
C LYS A 219 14.42 1.85 -6.39
N VAL A 220 13.12 1.61 -6.63
CA VAL A 220 12.68 0.25 -6.93
C VAL A 220 13.04 -0.13 -8.36
N ILE A 221 13.09 0.85 -9.26
CA ILE A 221 13.59 0.64 -10.63
C ILE A 221 14.82 1.52 -10.81
N PRO A 222 16.03 1.00 -10.54
CA PRO A 222 17.21 1.87 -10.53
C PRO A 222 17.47 2.59 -11.85
N ALA A 223 17.12 1.98 -12.98
CA ALA A 223 17.35 2.63 -14.27
C ALA A 223 16.54 3.92 -14.43
N LEU A 224 15.52 4.13 -13.61
CA LEU A 224 14.70 5.32 -13.66
C LEU A 224 15.10 6.34 -12.59
N ASN A 225 16.20 6.11 -11.89
CA ASN A 225 16.68 7.06 -10.89
C ASN A 225 16.93 8.41 -11.53
N GLY A 226 16.31 9.46 -10.97
CA GLY A 226 16.47 10.81 -11.46
C GLY A 226 15.64 11.16 -12.68
N LYS A 227 14.81 10.26 -13.18
CA LYS A 227 14.02 10.52 -14.38
C LYS A 227 12.55 10.77 -14.09
N LEU A 228 12.14 10.69 -12.82
CA LEU A 228 10.74 10.88 -12.47
C LEU A 228 10.65 11.73 -11.20
N THR A 229 9.68 12.63 -11.17
CA THR A 229 9.26 13.27 -9.94
C THR A 229 7.80 13.68 -10.11
N GLY A 230 7.25 14.35 -9.11
CA GLY A 230 5.86 14.74 -9.20
C GLY A 230 5.35 15.31 -7.90
N MET A 231 4.03 15.39 -7.82
CA MET A 231 3.33 16.03 -6.71
C MET A 231 1.96 15.39 -6.58
N ALA A 232 1.22 15.83 -5.57
CA ALA A 232 -0.10 15.28 -5.28
C ALA A 232 -1.12 16.39 -5.16
N MET A 233 -2.38 16.02 -5.40
CA MET A 233 -3.54 16.88 -5.19
C MET A 233 -4.55 16.09 -4.37
N ARG A 234 -4.70 16.47 -3.10
CA ARG A 234 -5.70 15.84 -2.25
C ARG A 234 -7.07 16.46 -2.53
N VAL A 235 -8.06 15.61 -2.78
CA VAL A 235 -9.39 16.06 -3.20
C VAL A 235 -10.44 15.43 -2.30
N PRO A 236 -11.66 16.00 -2.25
CA PRO A 236 -12.69 15.51 -1.33
C PRO A 236 -13.34 14.18 -1.69
N THR A 237 -12.57 13.10 -1.79
CA THR A 237 -13.10 11.75 -1.75
C THR A 237 -12.42 11.00 -0.63
N ALA A 238 -13.15 10.04 -0.04
CA ALA A 238 -12.66 9.32 1.13
C ALA A 238 -11.78 8.13 0.78
N ASN A 239 -11.85 7.62 -0.46
CA ASN A 239 -10.98 6.52 -0.85
C ASN A 239 -10.96 6.44 -2.38
N VAL A 240 -9.89 5.81 -2.87
CA VAL A 240 -9.55 5.61 -4.29
C VAL A 240 -8.82 6.85 -4.81
N SER A 241 -7.71 6.62 -5.50
CA SER A 241 -6.85 7.67 -6.02
C SER A 241 -6.48 7.31 -7.45
N VAL A 242 -5.86 8.25 -8.15
CA VAL A 242 -5.50 7.99 -9.55
C VAL A 242 -4.19 8.69 -9.87
N VAL A 243 -3.32 7.99 -10.58
CA VAL A 243 -2.04 8.51 -11.01
C VAL A 243 -2.19 9.07 -12.42
N ASP A 244 -1.62 10.25 -12.64
CA ASP A 244 -1.58 10.92 -13.94
C ASP A 244 -0.10 11.07 -14.29
N LEU A 245 0.38 10.24 -15.21
CA LEU A 245 1.80 10.18 -15.55
C LEU A 245 2.01 10.77 -16.94
N THR A 246 2.66 11.94 -16.99
CA THR A 246 3.06 12.56 -18.24
C THR A 246 4.53 12.24 -18.47
N CYS A 247 4.83 11.50 -19.53
CA CYS A 247 6.22 11.12 -19.75
C CYS A 247 6.58 11.22 -21.22
N ARG A 248 7.87 11.43 -21.45
CA ARG A 248 8.47 11.37 -22.77
C ARG A 248 9.20 10.04 -22.90
N THR A 249 8.89 9.28 -23.95
CA THR A 249 9.50 7.98 -24.17
C THR A 249 10.83 8.12 -24.89
N GLU A 250 11.60 7.04 -24.87
CA GLU A 250 12.86 6.99 -25.62
C GLU A 250 12.65 6.58 -27.06
N LYS A 251 11.63 5.79 -27.34
CA LYS A 251 11.34 5.32 -28.69
C LYS A 251 9.95 5.79 -29.13
N PRO A 252 9.76 6.02 -30.42
CA PRO A 252 8.42 6.35 -30.91
C PRO A 252 7.44 5.23 -30.59
N VAL A 253 6.27 5.61 -30.07
CA VAL A 253 5.27 4.63 -29.68
C VAL A 253 3.89 5.28 -29.79
N THR A 254 2.94 4.56 -30.37
CA THR A 254 1.58 5.06 -30.41
C THR A 254 0.86 4.72 -29.11
N TYR A 255 -0.26 5.41 -28.89
CA TYR A 255 -1.07 5.12 -27.71
C TYR A 255 -1.64 3.70 -27.75
N ASP A 256 -1.96 3.20 -28.95
CA ASP A 256 -2.45 1.82 -29.06
C ASP A 256 -1.37 0.81 -28.69
N GLN A 257 -0.11 1.08 -29.01
CA GLN A 257 0.97 0.20 -28.57
C GLN A 257 1.13 0.22 -27.06
N ILE A 258 0.91 1.38 -26.44
CA ILE A 258 0.97 1.46 -24.98
C ILE A 258 -0.14 0.64 -24.35
N LYS A 259 -1.37 0.79 -24.88
CA LYS A 259 -2.50 0.00 -24.38
C LYS A 259 -2.21 -1.49 -24.48
N ALA A 260 -1.71 -1.93 -25.64
CA ALA A 260 -1.48 -3.36 -25.84
C ALA A 260 -0.39 -3.88 -24.90
N ALA A 261 0.66 -3.09 -24.66
CA ALA A 261 1.71 -3.51 -23.76
C ALA A 261 1.19 -3.66 -22.33
N VAL A 262 0.37 -2.71 -21.88
CA VAL A 262 -0.18 -2.78 -20.53
C VAL A 262 -1.15 -3.95 -20.41
N LYS A 263 -2.04 -4.11 -21.40
CA LYS A 263 -2.95 -5.24 -21.38
C LYS A 263 -2.20 -6.56 -21.39
N ALA A 264 -1.11 -6.64 -22.16
CA ALA A 264 -0.31 -7.86 -22.19
C ALA A 264 0.28 -8.16 -20.81
N ALA A 265 0.86 -7.16 -20.16
CA ALA A 265 1.41 -7.36 -18.83
C ALA A 265 0.33 -7.71 -17.83
N SER A 266 -0.86 -7.11 -17.97
CA SER A 266 -1.95 -7.37 -17.05
C SER A 266 -2.43 -8.82 -17.12
N GLU A 267 -2.19 -9.49 -18.24
CA GLU A 267 -2.57 -10.89 -18.39
C GLU A 267 -1.38 -11.83 -18.21
N GLY A 268 -0.17 -11.30 -18.09
CA GLY A 268 1.01 -12.12 -17.94
C GLY A 268 1.71 -11.94 -16.60
N GLU A 269 2.94 -11.42 -16.63
CA GLU A 269 3.76 -11.40 -15.43
C GLU A 269 3.22 -10.46 -14.34
N LEU A 270 2.41 -9.47 -14.70
CA LEU A 270 1.86 -8.54 -13.73
C LEU A 270 0.39 -8.81 -13.42
N LYS A 271 -0.09 -10.02 -13.74
CA LYS A 271 -1.47 -10.37 -13.45
C LYS A 271 -1.74 -10.28 -11.95
N GLY A 272 -2.86 -9.65 -11.60
CA GLY A 272 -3.18 -9.39 -10.22
C GLY A 272 -2.52 -8.18 -9.62
N ILE A 273 -1.52 -7.61 -10.30
CA ILE A 273 -0.85 -6.40 -9.87
C ILE A 273 -1.26 -5.21 -10.72
N LEU A 274 -1.08 -5.32 -12.04
CA LEU A 274 -1.45 -4.28 -12.99
C LEU A 274 -2.71 -4.73 -13.72
N GLY A 275 -3.76 -3.90 -13.67
CA GLY A 275 -4.99 -4.16 -14.39
C GLY A 275 -5.10 -3.29 -15.62
N TYR A 276 -6.05 -3.65 -16.48
CA TYR A 276 -6.29 -2.94 -17.73
C TYR A 276 -7.78 -2.85 -17.96
N SER A 277 -8.26 -1.64 -18.27
CA SER A 277 -9.67 -1.45 -18.55
C SER A 277 -9.85 -0.45 -19.68
N GLU A 278 -10.92 -0.67 -20.45
CA GLU A 278 -11.39 0.27 -21.46
C GLU A 278 -12.76 0.85 -21.12
N ASP A 279 -13.28 0.55 -19.94
CA ASP A 279 -14.62 0.99 -19.57
C ASP A 279 -14.60 2.43 -19.07
N ALA A 280 -15.80 3.02 -18.99
CA ALA A 280 -15.96 4.42 -18.59
C ALA A 280 -15.99 4.50 -17.07
N LEU A 281 -14.81 4.32 -16.48
CA LEU A 281 -14.68 4.17 -15.04
C LEU A 281 -14.65 5.53 -14.34
N VAL A 282 -15.23 5.54 -13.13
CA VAL A 282 -15.05 6.63 -12.18
C VAL A 282 -14.57 6.02 -10.87
N SER A 283 -14.14 6.88 -9.94
CA SER A 283 -13.33 6.41 -8.82
C SER A 283 -14.05 5.34 -7.99
N THR A 284 -15.36 5.50 -7.75
CA THR A 284 -16.05 4.51 -6.92
C THR A 284 -16.04 3.12 -7.54
N ASP A 285 -15.89 3.01 -8.86
CA ASP A 285 -15.86 1.70 -9.50
C ASP A 285 -14.62 0.89 -9.10
N LEU A 286 -13.57 1.54 -8.62
CA LEU A 286 -12.34 0.87 -8.21
C LEU A 286 -12.29 0.61 -6.72
N ASN A 287 -13.32 1.00 -5.97
CA ASN A 287 -13.33 0.75 -4.54
C ASN A 287 -13.40 -0.76 -4.29
N GLY A 288 -12.43 -1.29 -3.55
CA GLY A 288 -12.32 -2.71 -3.34
C GLY A 288 -11.53 -3.46 -4.40
N ASP A 289 -10.92 -2.77 -5.35
CA ASP A 289 -10.15 -3.46 -6.38
C ASP A 289 -8.83 -3.96 -5.79
N PRO A 290 -8.50 -5.24 -5.98
CA PRO A 290 -7.28 -5.78 -5.36
C PRO A 290 -5.99 -5.45 -6.09
N ARG A 291 -6.05 -4.87 -7.29
CA ARG A 291 -4.81 -4.59 -8.01
C ARG A 291 -4.11 -3.37 -7.43
N SER A 292 -2.80 -3.28 -7.70
CA SER A 292 -2.04 -2.10 -7.29
C SER A 292 -2.22 -0.94 -8.26
N SER A 293 -2.63 -1.21 -9.49
CA SER A 293 -2.62 -0.21 -10.56
C SER A 293 -3.59 -0.69 -11.63
N ILE A 294 -4.62 0.09 -11.92
CA ILE A 294 -5.61 -0.26 -12.94
C ILE A 294 -5.51 0.79 -14.04
N PHE A 295 -4.87 0.42 -15.14
CA PHE A 295 -4.68 1.33 -16.26
C PHE A 295 -6.02 1.65 -16.93
N ASP A 296 -6.30 2.94 -17.10
CA ASP A 296 -7.54 3.43 -17.68
C ASP A 296 -7.23 3.85 -19.11
N ALA A 297 -7.50 2.95 -20.07
CA ALA A 297 -7.05 3.18 -21.44
C ALA A 297 -7.75 4.36 -22.08
N SER A 298 -9.05 4.52 -21.84
CA SER A 298 -9.80 5.57 -22.52
C SER A 298 -9.66 6.94 -21.87
N ALA A 299 -9.07 7.04 -20.68
CA ALA A 299 -8.90 8.33 -20.02
C ALA A 299 -7.62 9.04 -20.42
N GLY A 300 -6.58 8.31 -20.83
CA GLY A 300 -5.33 8.92 -21.20
C GLY A 300 -5.38 9.53 -22.58
N ILE A 301 -4.26 10.16 -22.96
CA ILE A 301 -4.18 10.84 -24.24
C ILE A 301 -2.72 11.03 -24.61
N ALA A 302 -2.43 11.01 -25.91
CA ALA A 302 -1.09 11.23 -26.43
C ALA A 302 -1.06 12.53 -27.21
N LEU A 303 0.00 13.31 -27.01
CA LEU A 303 0.21 14.45 -27.89
C LEU A 303 0.84 14.02 -29.20
N ASN A 304 1.83 13.14 -29.14
CA ASN A 304 2.53 12.64 -30.32
C ASN A 304 3.15 11.30 -29.95
N ASP A 305 3.93 10.73 -30.86
CA ASP A 305 4.53 9.41 -30.64
C ASP A 305 5.63 9.41 -29.58
N ARG A 306 5.90 10.54 -28.93
CA ARG A 306 6.94 10.60 -27.91
C ARG A 306 6.47 11.21 -26.60
N PHE A 307 5.23 11.68 -26.51
CA PHE A 307 4.77 12.47 -25.37
C PHE A 307 3.35 12.06 -25.04
N VAL A 308 3.15 11.43 -23.88
CA VAL A 308 1.88 10.79 -23.56
C VAL A 308 1.50 11.07 -22.11
N LYS A 309 0.20 11.05 -21.85
CA LYS A 309 -0.35 11.16 -20.50
C LYS A 309 -1.12 9.89 -20.18
N LEU A 310 -0.68 9.18 -19.14
CA LEU A 310 -1.24 7.87 -18.79
C LEU A 310 -1.95 7.95 -17.45
N ILE A 311 -3.11 7.30 -17.37
CA ILE A 311 -4.01 7.37 -16.22
C ILE A 311 -4.14 5.96 -15.64
N SER A 312 -3.86 5.83 -14.34
CA SER A 312 -4.02 4.54 -13.67
C SER A 312 -4.60 4.73 -12.28
N TRP A 313 -5.66 3.97 -11.99
CA TRP A 313 -6.35 4.04 -10.70
C TRP A 313 -5.67 3.13 -9.67
N TYR A 314 -5.94 3.43 -8.40
CA TYR A 314 -5.62 2.50 -7.32
C TYR A 314 -6.51 2.80 -6.12
N ASP A 315 -7.08 1.75 -5.55
CA ASP A 315 -7.68 1.82 -4.22
C ASP A 315 -6.52 1.90 -3.24
N ASN A 316 -6.25 3.10 -2.71
CA ASN A 316 -5.07 3.31 -1.89
C ASN A 316 -5.11 2.52 -0.58
N GLU A 317 -6.27 2.02 -0.19
CA GLU A 317 -6.36 1.18 1.00
C GLU A 317 -6.32 -0.32 0.65
N TRP A 318 -7.18 -0.74 -0.27
CA TRP A 318 -7.42 -2.17 -0.48
C TRP A 318 -6.28 -2.82 -1.23
N GLY A 319 -5.85 -2.22 -2.35
CA GLY A 319 -4.77 -2.81 -3.13
C GLY A 319 -3.46 -2.85 -2.36
N TYR A 320 -3.12 -1.75 -1.69
CA TYR A 320 -1.88 -1.70 -0.92
C TYR A 320 -1.88 -2.75 0.19
N SER A 321 -3.01 -2.93 0.87
CA SER A 321 -3.08 -3.90 1.95
C SER A 321 -2.86 -5.33 1.43
N ARG A 322 -3.40 -5.64 0.25
CA ARG A 322 -3.16 -6.96 -0.33
C ARG A 322 -1.70 -7.15 -0.69
N ARG A 323 -1.02 -6.08 -1.10
CA ARG A 323 0.41 -6.19 -1.42
C ARG A 323 1.22 -6.49 -0.17
N VAL A 324 0.86 -5.88 0.96
CA VAL A 324 1.51 -6.21 2.22
C VAL A 324 1.43 -7.71 2.47
N LEU A 325 0.23 -8.27 2.33
CA LEU A 325 0.06 -9.70 2.54
C LEU A 325 0.78 -10.51 1.47
N ASP A 326 0.75 -10.04 0.22
CA ASP A 326 1.51 -10.71 -0.84
C ASP A 326 3.00 -10.68 -0.53
N LEU A 327 3.50 -9.55 -0.02
CA LEU A 327 4.91 -9.44 0.30
C LEU A 327 5.28 -10.38 1.45
N ILE A 328 4.43 -10.46 2.48
CA ILE A 328 4.68 -11.36 3.59
C ILE A 328 4.77 -12.81 3.11
N ALA A 329 3.82 -13.21 2.27
CA ALA A 329 3.82 -14.58 1.76
C ALA A 329 5.06 -14.86 0.91
N TYR A 330 5.51 -13.87 0.15
CA TYR A 330 6.67 -14.08 -0.72
C TYR A 330 7.94 -14.29 0.11
N ILE A 331 8.22 -13.36 1.04
CA ILE A 331 9.45 -13.48 1.82
C ILE A 331 9.38 -14.64 2.80
N ALA A 332 8.18 -15.11 3.15
CA ALA A 332 8.08 -16.30 3.99
C ALA A 332 8.57 -17.53 3.25
N LYS A 333 8.29 -17.62 1.95
CA LYS A 333 8.79 -18.73 1.15
C LYS A 333 10.29 -18.62 0.93
N VAL A 334 10.80 -17.39 0.78
CA VAL A 334 12.24 -17.22 0.58
C VAL A 334 13.01 -17.55 1.85
N ASP A 335 12.50 -17.11 3.01
CA ASP A 335 13.16 -17.39 4.28
C ASP A 335 13.18 -18.88 4.60
N ALA A 336 12.28 -19.66 4.02
CA ALA A 336 12.26 -21.10 4.22
C ALA A 336 12.80 -21.81 2.98
N GLY A 337 12.00 -22.70 2.40
CA GLY A 337 12.37 -23.35 1.16
C GLY A 337 11.82 -22.61 -0.05
N LYS A 338 12.67 -21.85 -0.72
CA LYS A 338 12.25 -21.08 -1.88
C LYS A 338 11.99 -21.98 -3.08
#